data_3LOP
#
_entry.id   3LOP
#
_cell.length_a   44.110
_cell.length_b   64.739
_cell.length_c   114.085
_cell.angle_alpha   90.00
_cell.angle_beta   90.00
_cell.angle_gamma   90.00
#
_symmetry.space_group_name_H-M   'P 21 21 21'
#
loop_
_entity.id
_entity.type
_entity.pdbx_description
1 polymer 'Substrate binding periplasmic protein'
2 non-polymer LEUCINE
3 non-polymer 1,2-ETHANEDIOL
4 non-polymer 'NICKEL (II) ION'
5 non-polymer 'MAGNESIUM ION'
6 non-polymer 'MANGANESE (II) ION'
7 water water
#
_entity_poly.entity_id   1
_entity_poly.type   'polypeptide(L)'
_entity_poly.pdbx_seq_one_letter_code
;(MSE)SLADISVIQSLPLSGSQAVTGRALNAGARLYFDWLNLNGGINGETIRLVARDDEQKIEQTVRNVRD(MSE)ARVD
NPVALLTVVGTANVEAL(MSE)REGVLAEARLPLVGPATGASS(MSE)TTDPLVFPIKASYQQEIDK(MSE)ITALVTIG
VTRIGVLYQEDALGKEAITGVERTLKAHALAITA(MSE)ASYPRNTANVGPAVDKLLAADVQAIFLGATAEPAAQFVRQY
RARGGEAQLLGLSSIDPGILQKVAGLDAVRGYSLALV(MSE)PNPGKSVNPVIREFNRARAAVGAKDVDLSFRAVEGFVA
AKVLAEAIRRAGPKPTREQVRHALTELRDYDVGGGFTVDFTDRSRPGSHYIELGVVGPNGLVIQEGHHHHHH
;
_entity_poly.pdbx_strand_id   A
#
loop_
_chem_comp.id
_chem_comp.type
_chem_comp.name
_chem_comp.formula
EDO non-polymer 1,2-ETHANEDIOL 'C2 H6 O2'
MG non-polymer 'MAGNESIUM ION' 'Mg 2'
MN non-polymer 'MANGANESE (II) ION' 'Mn 2'
NI non-polymer 'NICKEL (II) ION' 'Ni 2'
#
# COMPACT_ATOMS: atom_id res chain seq x y z
N ASP A 5 -23.43 11.36 -12.83
CA ASP A 5 -22.70 10.87 -11.63
C ASP A 5 -21.31 11.50 -11.56
N ILE A 6 -20.63 11.29 -10.44
CA ILE A 6 -19.27 11.78 -10.25
C ILE A 6 -18.43 10.52 -10.37
N SER A 7 -17.53 10.48 -11.36
CA SER A 7 -16.72 9.29 -11.57
C SER A 7 -15.32 9.34 -10.99
N VAL A 8 -14.85 8.18 -10.56
CA VAL A 8 -13.53 8.00 -10.00
C VAL A 8 -12.97 6.75 -10.69
N ILE A 9 -11.70 6.74 -11.01
CA ILE A 9 -11.12 5.57 -11.69
C ILE A 9 -9.99 4.91 -10.92
N GLN A 10 -9.73 3.66 -11.28
CA GLN A 10 -8.67 2.85 -10.69
C GLN A 10 -8.04 1.97 -11.74
N SER A 11 -6.72 1.88 -11.74
CA SER A 11 -6.01 0.98 -12.63
C SER A 11 -5.18 0.18 -11.65
N LEU A 12 -5.38 -1.13 -11.63
CA LEU A 12 -4.62 -1.96 -10.71
C LEU A 12 -4.64 -3.41 -11.17
N PRO A 13 -3.82 -4.26 -10.53
CA PRO A 13 -3.73 -5.68 -10.88
C PRO A 13 -4.91 -6.51 -10.39
N LEU A 14 -5.75 -6.95 -11.32
CA LEU A 14 -6.89 -7.77 -10.97
C LEU A 14 -6.61 -9.23 -11.37
N SER A 15 -5.51 -9.43 -12.08
CA SER A 15 -5.07 -10.76 -12.49
C SER A 15 -3.54 -10.77 -12.40
N GLY A 16 -2.95 -11.96 -12.44
CA GLY A 16 -1.51 -12.03 -12.36
C GLY A 16 -1.00 -12.15 -10.93
N SER A 17 0.31 -12.06 -10.77
CA SER A 17 0.96 -12.18 -9.47
C SER A 17 0.49 -11.23 -8.38
N GLN A 18 0.05 -10.04 -8.79
CA GLN A 18 -0.41 -9.03 -7.84
C GLN A 18 -1.93 -8.94 -7.70
N ALA A 19 -2.64 -9.90 -8.29
CA ALA A 19 -4.11 -9.91 -8.23
C ALA A 19 -4.68 -9.80 -6.82
N VAL A 20 -4.09 -10.52 -5.87
CA VAL A 20 -4.60 -10.48 -4.51
C VAL A 20 -4.59 -9.06 -3.94
N THR A 21 -3.52 -8.32 -4.22
CA THR A 21 -3.39 -6.95 -3.74
C THR A 21 -4.35 -5.99 -4.46
N GLY A 22 -4.36 -6.07 -5.79
CA GLY A 22 -5.23 -5.19 -6.57
C GLY A 22 -6.70 -5.40 -6.26
N ARG A 23 -7.11 -6.67 -6.16
CA ARG A 23 -8.50 -6.98 -5.87
C ARG A 23 -8.91 -6.41 -4.52
N ALA A 24 -8.02 -6.47 -3.53
CA ALA A 24 -8.32 -5.97 -2.20
C ALA A 24 -8.47 -4.45 -2.17
N LEU A 25 -7.58 -3.75 -2.85
CA LEU A 25 -7.66 -2.30 -2.91
C LEU A 25 -8.95 -1.88 -3.60
N ASN A 26 -9.29 -2.56 -4.70
CA ASN A 26 -10.51 -2.25 -5.41
C ASN A 26 -11.73 -2.57 -4.56
N ALA A 27 -11.69 -3.71 -3.88
CA ALA A 27 -12.81 -4.11 -3.02
C ALA A 27 -13.06 -3.09 -1.92
N GLY A 28 -11.99 -2.59 -1.32
CA GLY A 28 -12.15 -1.61 -0.26
C GLY A 28 -12.71 -0.29 -0.75
N ALA A 29 -12.22 0.17 -1.90
CA ALA A 29 -12.71 1.43 -2.46
C ALA A 29 -14.16 1.29 -2.91
N ARG A 30 -14.46 0.19 -3.58
CA ARG A 30 -15.81 -0.06 -4.07
C ARG A 30 -16.76 -0.14 -2.88
N LEU A 31 -16.31 -0.81 -1.82
CA LEU A 31 -17.14 -0.93 -0.63
C LEU A 31 -17.46 0.45 -0.06
N TYR A 32 -16.44 1.29 0.08
CA TYR A 32 -16.70 2.61 0.63
C TYR A 32 -17.67 3.40 -0.23
N PHE A 33 -17.47 3.41 -1.54
CA PHE A 33 -18.37 4.17 -2.41
C PHE A 33 -19.78 3.60 -2.43
N ASP A 34 -19.92 2.28 -2.39
CA ASP A 34 -21.27 1.69 -2.37
C ASP A 34 -21.95 2.11 -1.06
N TRP A 35 -21.18 2.11 0.02
CA TRP A 35 -21.66 2.50 1.35
C TRP A 35 -22.08 3.97 1.33
N LEU A 36 -21.23 4.81 0.74
CA LEU A 36 -21.52 6.23 0.64
C LEU A 36 -22.81 6.44 -0.17
N ASN A 37 -22.94 5.71 -1.27
CA ASN A 37 -24.13 5.82 -2.08
C ASN A 37 -25.36 5.34 -1.30
N LEU A 38 -25.26 4.28 -0.52
CA LEU A 38 -26.44 3.86 0.23
C LEU A 38 -26.88 4.96 1.19
N ASN A 39 -25.93 5.78 1.62
CA ASN A 39 -26.19 6.86 2.56
C ASN A 39 -26.53 8.18 1.90
N GLY A 40 -26.78 8.18 0.60
CA GLY A 40 -27.14 9.44 -0.03
C GLY A 40 -26.12 10.04 -0.96
N GLY A 41 -24.95 9.41 -1.06
CA GLY A 41 -23.91 9.89 -1.97
C GLY A 41 -23.27 11.15 -1.49
N ILE A 42 -22.83 11.99 -2.42
CA ILE A 42 -22.19 13.25 -2.07
C ILE A 42 -23.02 14.41 -2.61
N ASN A 43 -23.56 15.20 -1.70
CA ASN A 43 -24.39 16.34 -2.07
C ASN A 43 -25.49 15.87 -3.04
N GLY A 44 -26.05 14.70 -2.75
CA GLY A 44 -27.11 14.16 -3.58
C GLY A 44 -26.65 13.54 -4.89
N GLU A 45 -25.35 13.42 -5.07
CA GLU A 45 -24.82 12.84 -6.30
C GLU A 45 -24.26 11.43 -6.08
N THR A 46 -24.47 10.58 -7.07
CA THR A 46 -24.00 9.19 -7.05
C THR A 46 -22.54 9.13 -7.46
N ILE A 47 -21.75 8.35 -6.75
CA ILE A 47 -20.35 8.19 -7.09
C ILE A 47 -20.21 6.91 -7.89
N ARG A 48 -19.51 6.98 -9.01
CA ARG A 48 -19.29 5.80 -9.84
C ARG A 48 -17.80 5.50 -9.89
N LEU A 49 -17.43 4.31 -9.46
CA LEU A 49 -16.03 3.89 -9.50
C LEU A 49 -15.84 2.96 -10.67
N VAL A 50 -14.90 3.31 -11.55
CA VAL A 50 -14.60 2.50 -12.72
C VAL A 50 -13.18 1.96 -12.54
N ALA A 51 -13.02 0.65 -12.64
CA ALA A 51 -11.72 0.04 -12.48
C ALA A 51 -11.29 -0.71 -13.73
N ARG A 52 -9.98 -0.88 -13.90
CA ARG A 52 -9.46 -1.61 -15.04
C ARG A 52 -8.19 -2.34 -14.65
N ASP A 53 -8.12 -3.59 -15.08
CA ASP A 53 -6.99 -4.46 -14.80
C ASP A 53 -5.77 -4.05 -15.62
N ASP A 54 -4.63 -3.85 -14.96
CA ASP A 54 -3.41 -3.52 -15.69
C ASP A 54 -2.38 -4.64 -15.55
N GLU A 55 -2.72 -5.68 -14.79
CA GLU A 55 -1.83 -6.83 -14.59
C GLU A 55 -0.48 -6.37 -14.03
N GLN A 56 -0.47 -5.18 -13.46
CA GLN A 56 0.72 -4.52 -12.92
C GLN A 56 1.77 -4.30 -14.01
N LYS A 57 1.34 -4.34 -15.26
CA LYS A 57 2.25 -4.08 -16.37
C LYS A 57 2.35 -2.57 -16.49
N ILE A 58 3.57 -2.05 -16.38
CA ILE A 58 3.80 -0.61 -16.42
C ILE A 58 3.15 0.12 -17.60
N GLU A 59 3.34 -0.40 -18.80
CA GLU A 59 2.76 0.23 -19.98
C GLU A 59 1.24 0.18 -19.97
N GLN A 60 0.67 -0.87 -19.39
CA GLN A 60 -0.78 -1.01 -19.33
C GLN A 60 -1.39 -0.04 -18.32
N THR A 61 -0.66 0.27 -17.25
CA THR A 61 -1.16 1.21 -16.26
C THR A 61 -1.28 2.56 -16.97
N VAL A 62 -0.24 2.91 -17.74
CA VAL A 62 -0.22 4.16 -18.48
C VAL A 62 -1.39 4.22 -19.46
N ARG A 63 -1.58 3.17 -20.25
CA ARG A 63 -2.67 3.15 -21.22
C ARG A 63 -4.04 3.21 -20.54
N ASN A 64 -4.20 2.44 -19.47
CA ASN A 64 -5.47 2.43 -18.74
C ASN A 64 -5.86 3.80 -18.23
N VAL A 65 -4.93 4.46 -17.54
CA VAL A 65 -5.24 5.77 -16.99
C VAL A 65 -5.54 6.80 -18.07
N ARG A 66 -4.75 6.84 -19.14
CA ARG A 66 -5.00 7.78 -20.21
C ARG A 66 -6.37 7.52 -20.84
N ASP A 67 -6.67 6.26 -21.15
CA ASP A 67 -7.95 5.90 -21.74
C ASP A 67 -9.12 6.25 -20.82
N MSE A 68 -9.05 5.86 -19.56
CA MSE A 68 -10.14 6.15 -18.63
C MSE A 68 -10.31 7.64 -18.36
O MSE A 68 -11.44 8.11 -18.15
CB MSE A 68 -9.96 5.35 -17.31
CG MSE A 68 -10.71 3.98 -17.29
SE MSE A 68 -10.56 2.92 -15.68
CE MSE A 68 -8.78 2.91 -15.84
N ALA A 69 -9.21 8.38 -18.35
CA ALA A 69 -9.29 9.83 -18.08
C ALA A 69 -10.06 10.55 -19.18
N ARG A 70 -10.05 9.97 -20.38
CA ARG A 70 -10.71 10.58 -21.51
C ARG A 70 -12.16 10.15 -21.71
N VAL A 71 -12.44 8.88 -21.43
CA VAL A 71 -13.78 8.34 -21.61
C VAL A 71 -14.70 8.37 -20.39
N ASP A 72 -14.15 8.15 -19.21
CA ASP A 72 -14.98 8.11 -18.01
C ASP A 72 -15.20 9.42 -17.25
N ASN A 73 -14.66 10.52 -17.76
CA ASN A 73 -14.81 11.83 -17.11
C ASN A 73 -14.59 11.77 -15.59
N PRO A 74 -13.48 11.17 -15.14
CA PRO A 74 -13.23 11.08 -13.70
C PRO A 74 -12.68 12.37 -13.10
N VAL A 75 -12.91 12.53 -11.79
CA VAL A 75 -12.40 13.71 -11.10
C VAL A 75 -11.10 13.35 -10.39
N ALA A 76 -10.82 12.05 -10.30
CA ALA A 76 -9.59 11.59 -9.64
C ALA A 76 -9.33 10.12 -9.90
N LEU A 77 -8.09 9.71 -9.63
CA LEU A 77 -7.61 8.34 -9.77
C LEU A 77 -7.24 7.83 -8.37
N LEU A 78 -7.55 6.56 -8.09
CA LEU A 78 -7.28 5.97 -6.78
C LEU A 78 -6.36 4.75 -6.77
N THR A 79 -5.59 4.66 -5.70
CA THR A 79 -4.69 3.53 -5.39
C THR A 79 -4.03 2.69 -6.48
N VAL A 80 -3.18 3.32 -7.29
CA VAL A 80 -2.47 2.57 -8.32
C VAL A 80 -1.40 1.74 -7.62
N VAL A 81 -1.23 0.50 -8.08
CA VAL A 81 -0.26 -0.42 -7.47
C VAL A 81 1.06 -0.48 -8.24
N GLY A 82 2.17 -0.51 -7.50
CA GLY A 82 3.47 -0.61 -8.11
C GLY A 82 4.26 0.68 -8.20
N THR A 83 5.40 0.71 -7.54
CA THR A 83 6.26 1.90 -7.57
C THR A 83 6.61 2.24 -9.02
N ALA A 84 6.99 1.23 -9.80
CA ALA A 84 7.35 1.46 -11.19
C ALA A 84 6.16 1.96 -12.00
N ASN A 85 4.98 1.44 -11.68
CA ASN A 85 3.76 1.82 -12.39
C ASN A 85 3.42 3.29 -12.16
N VAL A 86 3.45 3.73 -10.91
CA VAL A 86 3.13 5.11 -10.61
C VAL A 86 4.21 6.04 -11.15
N GLU A 87 5.48 5.64 -11.03
CA GLU A 87 6.55 6.49 -11.53
C GLU A 87 6.43 6.69 -13.04
N ALA A 88 5.87 5.71 -13.74
CA ALA A 88 5.68 5.82 -15.18
C ALA A 88 4.58 6.85 -15.45
N LEU A 89 3.51 6.82 -14.64
CA LEU A 89 2.43 7.79 -14.82
C LEU A 89 2.97 9.19 -14.63
N MSE A 90 3.90 9.36 -13.70
CA MSE A 90 4.50 10.67 -13.43
C MSE A 90 5.47 11.05 -14.56
O MSE A 90 5.33 12.10 -15.17
CB MSE A 90 5.23 10.64 -12.09
CG MSE A 90 4.36 10.28 -10.90
SE MSE A 90 5.25 10.38 -9.17
CE MSE A 90 6.40 8.84 -9.31
N ARG A 91 6.43 10.17 -14.81
CA ARG A 91 7.45 10.39 -15.83
C ARG A 91 6.89 10.65 -17.22
N GLU A 92 5.91 9.85 -17.63
CA GLU A 92 5.32 10.00 -18.95
C GLU A 92 4.28 11.11 -19.04
N GLY A 93 4.06 11.81 -17.93
CA GLY A 93 3.13 12.92 -17.91
C GLY A 93 1.65 12.60 -18.11
N VAL A 94 1.25 11.38 -17.78
CA VAL A 94 -0.14 10.98 -17.94
C VAL A 94 -1.07 11.77 -17.02
N LEU A 95 -0.67 11.92 -15.76
CA LEU A 95 -1.51 12.65 -14.82
C LEU A 95 -1.55 14.14 -15.18
N ALA A 96 -0.41 14.69 -15.59
CA ALA A 96 -0.34 16.10 -15.96
C ALA A 96 -1.24 16.40 -17.15
N GLU A 97 -1.24 15.48 -18.11
CA GLU A 97 -2.04 15.65 -19.32
C GLU A 97 -3.53 15.66 -19.01
N ALA A 98 -3.95 14.81 -18.08
CA ALA A 98 -5.35 14.72 -17.70
C ALA A 98 -5.70 15.64 -16.53
N ARG A 99 -4.69 16.26 -15.92
CA ARG A 99 -4.91 17.11 -14.75
C ARG A 99 -5.69 16.28 -13.73
N LEU A 100 -5.33 15.02 -13.65
CA LEU A 100 -6.01 14.07 -12.77
C LEU A 100 -5.23 13.74 -11.50
N PRO A 101 -5.80 14.10 -10.34
CA PRO A 101 -5.09 13.80 -9.08
C PRO A 101 -5.12 12.31 -8.78
N LEU A 102 -3.98 11.80 -8.29
CA LEU A 102 -3.86 10.39 -7.91
C LEU A 102 -3.85 10.39 -6.39
N VAL A 103 -4.95 9.93 -5.80
CA VAL A 103 -5.08 9.89 -4.35
C VAL A 103 -4.76 8.52 -3.80
N GLY A 104 -3.87 8.50 -2.81
CA GLY A 104 -3.48 7.26 -2.17
C GLY A 104 -2.80 6.20 -3.00
N PRO A 105 -1.73 6.55 -3.73
CA PRO A 105 -1.05 5.52 -4.52
C PRO A 105 -0.69 4.39 -3.55
N ALA A 106 -0.88 3.15 -3.97
CA ALA A 106 -0.62 2.00 -3.11
C ALA A 106 0.86 1.64 -2.94
N THR A 107 1.72 2.64 -2.95
CA THR A 107 3.15 2.46 -2.77
C THR A 107 3.68 3.61 -1.92
N GLY A 108 4.63 3.31 -1.04
CA GLY A 108 5.19 4.33 -0.18
C GLY A 108 6.54 4.83 -0.66
N ALA A 109 6.81 4.68 -1.96
CA ALA A 109 8.09 5.12 -2.52
C ALA A 109 8.35 6.59 -2.23
N SER A 110 9.63 6.95 -2.11
CA SER A 110 10.01 8.33 -1.81
C SER A 110 9.58 9.30 -2.91
N SER A 111 9.43 8.79 -4.13
CA SER A 111 9.03 9.63 -5.25
C SER A 111 7.58 10.07 -5.20
N MSE A 112 6.79 9.44 -4.32
CA MSE A 112 5.37 9.78 -4.23
C MSE A 112 5.11 11.21 -3.73
O MSE A 112 4.00 11.73 -3.91
CB MSE A 112 4.64 8.79 -3.32
CG MSE A 112 4.64 7.35 -3.84
SE MSE A 112 3.93 7.17 -5.63
CE MSE A 112 5.54 6.58 -6.54
N THR A 113 6.11 11.84 -3.12
CA THR A 113 5.95 13.20 -2.61
C THR A 113 6.60 14.24 -3.53
N THR A 114 6.82 13.88 -4.78
CA THR A 114 7.49 14.80 -5.72
C THR A 114 6.66 15.21 -6.94
N ASP A 115 5.35 14.97 -6.92
CA ASP A 115 4.52 15.33 -8.06
C ASP A 115 3.27 16.08 -7.57
N PRO A 116 3.00 17.28 -8.12
CA PRO A 116 1.84 18.06 -7.71
C PRO A 116 0.48 17.36 -7.81
N LEU A 117 0.39 16.33 -8.66
CA LEU A 117 -0.87 15.60 -8.80
C LEU A 117 -0.94 14.29 -8.03
N VAL A 118 0.12 13.95 -7.32
CA VAL A 118 0.12 12.71 -6.54
C VAL A 118 -0.03 13.04 -5.06
N PHE A 119 -1.02 12.40 -4.43
CA PHE A 119 -1.32 12.63 -3.03
C PHE A 119 -1.16 11.38 -2.16
N PRO A 120 0.09 11.10 -1.74
CA PRO A 120 0.34 9.91 -0.91
C PRO A 120 -0.32 10.08 0.45
N ILE A 121 -0.94 9.01 0.95
CA ILE A 121 -1.59 9.06 2.24
C ILE A 121 -0.75 8.38 3.33
N LYS A 122 -0.48 7.09 3.15
CA LYS A 122 0.26 6.36 4.16
C LYS A 122 1.73 6.76 4.35
N ALA A 123 2.21 6.55 5.56
CA ALA A 123 3.61 6.85 5.90
C ALA A 123 4.45 6.12 4.87
N SER A 124 5.58 6.71 4.51
CA SER A 124 6.48 6.17 3.48
C SER A 124 7.29 4.93 3.82
N TYR A 125 7.86 4.32 2.78
CA TYR A 125 8.69 3.14 2.96
C TYR A 125 9.92 3.49 3.80
N GLN A 126 10.46 4.69 3.59
CA GLN A 126 11.64 5.10 4.35
C GLN A 126 11.29 5.20 5.83
N GLN A 127 10.10 5.68 6.16
CA GLN A 127 9.69 5.77 7.55
C GLN A 127 9.58 4.36 8.13
N GLU A 128 9.03 3.44 7.34
CA GLU A 128 8.88 2.05 7.77
C GLU A 128 10.25 1.43 8.02
N ILE A 129 11.15 1.61 7.07
CA ILE A 129 12.50 1.06 7.16
C ILE A 129 13.26 1.64 8.34
N ASP A 130 13.21 2.96 8.52
CA ASP A 130 13.90 3.58 9.64
C ASP A 130 13.43 2.97 10.95
N LYS A 131 12.12 2.91 11.14
CA LYS A 131 11.57 2.38 12.38
C LYS A 131 11.92 0.91 12.62
N MSE A 132 11.71 0.06 11.62
CA MSE A 132 12.01 -1.37 11.77
C MSE A 132 13.48 -1.71 11.89
O MSE A 132 13.88 -2.51 12.74
CB MSE A 132 11.42 -2.16 10.60
CG MSE A 132 9.92 -2.31 10.61
SE MSE A 132 9.29 -3.48 9.21
CE MSE A 132 9.10 -2.17 7.80
N ILE A 133 14.31 -1.11 11.04
CA ILE A 133 15.74 -1.39 11.07
C ILE A 133 16.37 -0.85 12.34
N THR A 134 15.98 0.36 12.75
CA THR A 134 16.54 0.93 13.98
C THR A 134 16.18 0.06 15.18
N ALA A 135 14.99 -0.53 15.15
CA ALA A 135 14.55 -1.39 16.23
C ALA A 135 15.47 -2.62 16.30
N LEU A 136 15.81 -3.17 15.14
CA LEU A 136 16.70 -4.33 15.07
C LEU A 136 18.08 -4.00 15.61
N VAL A 137 18.63 -2.89 15.13
CA VAL A 137 19.95 -2.45 15.56
C VAL A 137 19.97 -2.22 17.06
N THR A 138 18.90 -1.60 17.58
CA THR A 138 18.83 -1.32 19.01
C THR A 138 18.88 -2.57 19.87
N ILE A 139 18.35 -3.68 19.36
CA ILE A 139 18.36 -4.93 20.11
C ILE A 139 19.61 -5.77 19.83
N GLY A 140 20.56 -5.21 19.10
CA GLY A 140 21.81 -5.92 18.85
C GLY A 140 22.04 -6.61 17.53
N VAL A 141 21.08 -6.55 16.61
CA VAL A 141 21.25 -7.18 15.31
C VAL A 141 22.29 -6.46 14.48
N THR A 142 23.19 -7.20 13.87
CA THR A 142 24.24 -6.61 13.04
C THR A 142 24.32 -7.22 11.65
N ARG A 143 23.70 -8.39 11.46
CA ARG A 143 23.74 -9.06 10.17
C ARG A 143 22.36 -9.14 9.55
N ILE A 144 22.11 -8.27 8.57
CA ILE A 144 20.82 -8.20 7.92
C ILE A 144 20.89 -8.53 6.43
N GLY A 145 19.95 -9.35 5.98
CA GLY A 145 19.87 -9.72 4.58
C GLY A 145 18.64 -9.04 3.99
N VAL A 146 18.62 -8.88 2.68
CA VAL A 146 17.47 -8.22 2.05
C VAL A 146 17.02 -8.93 0.78
N LEU A 147 15.71 -9.19 0.69
CA LEU A 147 15.12 -9.77 -0.51
C LEU A 147 14.55 -8.55 -1.20
N TYR A 148 14.90 -8.33 -2.46
CA TYR A 148 14.38 -7.16 -3.17
C TYR A 148 13.89 -7.44 -4.58
N GLN A 149 12.84 -6.73 -4.97
CA GLN A 149 12.29 -6.88 -6.32
C GLN A 149 13.24 -6.18 -7.29
N GLU A 150 13.46 -6.82 -8.44
CA GLU A 150 14.38 -6.28 -9.43
C GLU A 150 13.78 -5.14 -10.26
N ASP A 151 13.49 -4.04 -9.58
CA ASP A 151 12.93 -2.84 -10.19
C ASP A 151 12.92 -1.70 -9.16
N ALA A 152 12.16 -0.65 -9.43
CA ALA A 152 12.09 0.50 -8.53
C ALA A 152 11.77 0.16 -7.07
N LEU A 153 10.89 -0.82 -6.84
CA LEU A 153 10.54 -1.19 -5.47
C LEU A 153 11.77 -1.70 -4.73
N GLY A 154 12.52 -2.60 -5.37
CA GLY A 154 13.71 -3.15 -4.74
C GLY A 154 14.76 -2.10 -4.49
N LYS A 155 14.89 -1.15 -5.42
CA LYS A 155 15.85 -0.07 -5.29
C LYS A 155 15.52 0.77 -4.06
N GLU A 156 14.24 1.03 -3.85
CA GLU A 156 13.79 1.81 -2.69
C GLU A 156 14.18 1.07 -1.40
N ALA A 157 13.95 -0.24 -1.39
CA ALA A 157 14.26 -1.06 -0.23
C ALA A 157 15.75 -1.10 0.09
N ILE A 158 16.57 -1.41 -0.92
CA ILE A 158 18.00 -1.48 -0.70
C ILE A 158 18.59 -0.14 -0.29
N THR A 159 18.25 0.91 -1.02
CA THR A 159 18.75 2.24 -0.72
C THR A 159 18.33 2.66 0.68
N GLY A 160 17.07 2.39 1.03
CA GLY A 160 16.56 2.75 2.33
C GLY A 160 17.24 2.01 3.48
N VAL A 161 17.37 0.70 3.35
CA VAL A 161 18.00 -0.10 4.38
C VAL A 161 19.46 0.29 4.53
N GLU A 162 20.14 0.53 3.40
CA GLU A 162 21.54 0.92 3.45
C GLU A 162 21.72 2.25 4.17
N ARG A 163 20.80 3.18 3.91
CA ARG A 163 20.87 4.50 4.54
C ARG A 163 20.72 4.41 6.05
N THR A 164 19.73 3.66 6.51
CA THR A 164 19.50 3.50 7.94
C THR A 164 20.67 2.79 8.59
N LEU A 165 21.17 1.74 7.97
CA LEU A 165 22.28 1.00 8.55
C LEU A 165 23.56 1.84 8.60
N LYS A 166 23.76 2.68 7.59
CA LYS A 166 24.95 3.54 7.54
C LYS A 166 24.97 4.47 8.76
N ALA A 167 23.78 4.89 9.19
CA ALA A 167 23.65 5.79 10.34
C ALA A 167 24.14 5.10 11.61
N HIS A 168 24.28 3.78 11.54
CA HIS A 168 24.74 3.00 12.69
C HIS A 168 26.05 2.27 12.38
N ALA A 169 26.76 2.77 11.38
CA ALA A 169 28.05 2.20 10.98
C ALA A 169 27.93 0.73 10.59
N LEU A 170 26.81 0.37 9.96
CA LEU A 170 26.57 -1.00 9.53
C LEU A 170 26.24 -1.02 8.04
N ALA A 171 26.24 -2.21 7.44
CA ALA A 171 25.92 -2.36 6.03
C ALA A 171 25.20 -3.69 5.83
N ILE A 172 24.48 -3.80 4.72
CA ILE A 172 23.76 -5.03 4.40
C ILE A 172 24.74 -6.19 4.26
N THR A 173 24.41 -7.31 4.89
CA THR A 173 25.27 -8.49 4.85
C THR A 173 25.10 -9.29 3.57
N ALA A 174 23.86 -9.39 3.09
CA ALA A 174 23.58 -10.13 1.88
C ALA A 174 22.28 -9.65 1.26
N MSE A 175 22.18 -9.72 -0.06
CA MSE A 175 20.98 -9.32 -0.74
C MSE A 175 20.71 -10.27 -1.91
O MSE A 175 21.65 -10.83 -2.48
CB MSE A 175 21.06 -7.87 -1.24
CG MSE A 175 22.21 -7.58 -2.20
SE MSE A 175 22.22 -5.72 -2.76
CE MSE A 175 22.97 -4.94 -1.19
N ALA A 176 19.44 -10.45 -2.23
CA ALA A 176 19.04 -11.32 -3.31
C ALA A 176 17.77 -10.76 -3.94
N SER A 177 17.68 -10.86 -5.27
CA SER A 177 16.54 -10.32 -5.99
C SER A 177 15.64 -11.37 -6.62
N TYR A 178 14.51 -10.89 -7.15
CA TYR A 178 13.55 -11.73 -7.85
C TYR A 178 12.88 -10.80 -8.87
N PRO A 179 12.42 -11.34 -10.01
CA PRO A 179 11.78 -10.56 -11.07
C PRO A 179 10.39 -9.99 -10.72
N ARG A 180 10.15 -8.75 -11.09
CA ARG A 180 8.86 -8.13 -10.80
C ARG A 180 7.75 -8.88 -11.54
N ASN A 181 6.55 -8.85 -10.96
CA ASN A 181 5.39 -9.50 -11.53
C ASN A 181 5.50 -11.03 -11.57
N THR A 182 6.36 -11.56 -10.70
CA THR A 182 6.54 -13.00 -10.60
C THR A 182 6.75 -13.33 -9.13
N ALA A 183 6.83 -14.62 -8.85
CA ALA A 183 7.07 -15.10 -7.50
C ALA A 183 8.26 -16.07 -7.59
N ASN A 184 9.12 -15.84 -8.58
CA ASN A 184 10.28 -16.70 -8.80
C ASN A 184 11.39 -16.30 -7.84
N VAL A 185 11.28 -16.79 -6.60
CA VAL A 185 12.24 -16.47 -5.56
C VAL A 185 13.21 -17.60 -5.21
N GLY A 186 13.13 -18.71 -5.93
CA GLY A 186 14.02 -19.83 -5.66
C GLY A 186 15.48 -19.46 -5.47
N PRO A 187 16.09 -18.79 -6.45
CA PRO A 187 17.49 -18.38 -6.36
C PRO A 187 17.75 -17.50 -5.14
N ALA A 188 16.78 -16.65 -4.81
CA ALA A 188 16.92 -15.75 -3.66
C ALA A 188 16.92 -16.54 -2.37
N VAL A 189 16.08 -17.57 -2.30
CA VAL A 189 16.01 -18.41 -1.11
C VAL A 189 17.33 -19.14 -0.93
N ASP A 190 17.89 -19.65 -2.02
CA ASP A 190 19.17 -20.36 -1.93
C ASP A 190 20.24 -19.44 -1.37
N LYS A 191 20.32 -18.23 -1.90
CA LYS A 191 21.33 -17.26 -1.49
C LYS A 191 21.19 -16.79 -0.04
N LEU A 192 19.98 -16.45 0.38
CA LEU A 192 19.80 -15.98 1.76
C LEU A 192 19.90 -17.08 2.80
N LEU A 193 19.61 -18.31 2.41
CA LEU A 193 19.72 -19.44 3.33
C LEU A 193 21.20 -19.63 3.69
N ALA A 194 22.05 -19.43 2.68
CA ALA A 194 23.49 -19.58 2.83
C ALA A 194 24.13 -18.41 3.59
N ALA A 195 23.47 -17.26 3.59
CA ALA A 195 23.99 -16.09 4.28
C ALA A 195 23.83 -16.23 5.78
N ASP A 196 24.82 -15.75 6.53
CA ASP A 196 24.79 -15.83 7.99
C ASP A 196 24.08 -14.59 8.54
N VAL A 197 22.78 -14.51 8.28
CA VAL A 197 22.00 -13.36 8.73
C VAL A 197 21.08 -13.60 9.92
N GLN A 198 20.89 -12.57 10.73
CA GLN A 198 20.03 -12.65 11.90
C GLN A 198 18.63 -12.19 11.59
N ALA A 199 18.50 -11.41 10.52
CA ALA A 199 17.21 -10.89 10.10
C ALA A 199 17.21 -10.69 8.60
N ILE A 200 16.04 -10.84 7.98
CA ILE A 200 15.91 -10.65 6.54
C ILE A 200 14.73 -9.72 6.31
N PHE A 201 15.01 -8.62 5.61
CA PHE A 201 14.00 -7.62 5.30
C PHE A 201 13.44 -7.90 3.91
N LEU A 202 12.11 -7.90 3.79
CA LEU A 202 11.47 -8.19 2.52
C LEU A 202 10.98 -6.94 1.78
N GLY A 203 11.75 -6.52 0.78
CA GLY A 203 11.38 -5.38 -0.03
C GLY A 203 10.73 -5.99 -1.25
N ALA A 204 9.57 -6.60 -1.04
CA ALA A 204 8.86 -7.30 -2.09
C ALA A 204 7.35 -7.15 -2.02
N THR A 205 6.69 -7.76 -3.00
CA THR A 205 5.23 -7.74 -3.07
C THR A 205 4.71 -9.00 -2.38
N ALA A 206 3.40 -9.06 -2.20
CA ALA A 206 2.76 -10.17 -1.51
C ALA A 206 3.13 -11.61 -1.89
N GLU A 207 2.94 -11.96 -3.16
CA GLU A 207 3.21 -13.33 -3.59
C GLU A 207 4.66 -13.77 -3.44
N PRO A 208 5.62 -12.99 -3.97
CA PRO A 208 7.02 -13.43 -3.80
C PRO A 208 7.41 -13.47 -2.32
N ALA A 209 6.89 -12.54 -1.53
CA ALA A 209 7.20 -12.51 -0.11
C ALA A 209 6.72 -13.80 0.54
N ALA A 210 5.49 -14.20 0.23
CA ALA A 210 4.90 -15.42 0.79
C ALA A 210 5.68 -16.66 0.39
N GLN A 211 6.03 -16.76 -0.90
CA GLN A 211 6.78 -17.91 -1.38
C GLN A 211 8.17 -17.94 -0.74
N PHE A 212 8.80 -16.78 -0.61
CA PHE A 212 10.12 -16.74 0.00
C PHE A 212 10.04 -17.21 1.45
N VAL A 213 9.10 -16.65 2.21
CA VAL A 213 8.95 -17.02 3.60
C VAL A 213 8.68 -18.51 3.80
N ARG A 214 7.73 -19.06 3.04
CA ARG A 214 7.41 -20.47 3.17
C ARG A 214 8.62 -21.35 2.89
N GLN A 215 9.28 -21.10 1.78
CA GLN A 215 10.46 -21.88 1.37
C GLN A 215 11.66 -21.69 2.29
N TYR A 216 11.92 -20.45 2.68
CA TYR A 216 13.05 -20.16 3.56
C TYR A 216 12.92 -20.92 4.87
N ARG A 217 11.75 -20.82 5.50
CA ARG A 217 11.51 -21.50 6.77
C ARG A 217 11.48 -23.02 6.60
N ALA A 218 10.86 -23.49 5.53
CA ALA A 218 10.77 -24.93 5.29
C ALA A 218 12.14 -25.57 5.15
N ARG A 219 13.10 -24.80 4.63
CA ARG A 219 14.44 -25.32 4.43
C ARG A 219 15.40 -25.03 5.58
N GLY A 220 14.87 -24.63 6.73
CA GLY A 220 15.71 -24.39 7.89
C GLY A 220 16.14 -22.97 8.21
N GLY A 221 15.64 -21.99 7.45
CA GLY A 221 16.01 -20.62 7.70
C GLY A 221 15.46 -20.16 9.03
N GLU A 222 16.30 -19.54 9.85
CA GLU A 222 15.88 -19.07 11.18
C GLU A 222 15.88 -17.57 11.41
N ALA A 223 16.26 -16.79 10.40
CA ALA A 223 16.31 -15.34 10.57
C ALA A 223 14.96 -14.73 10.94
N GLN A 224 15.01 -13.62 11.68
CA GLN A 224 13.81 -12.88 12.04
C GLN A 224 13.35 -12.27 10.72
N LEU A 225 12.05 -12.33 10.43
CA LEU A 225 11.54 -11.78 9.20
C LEU A 225 10.76 -10.50 9.40
N LEU A 226 10.90 -9.57 8.47
CA LEU A 226 10.20 -8.30 8.52
C LEU A 226 10.08 -7.78 7.09
N GLY A 227 9.15 -6.87 6.85
CA GLY A 227 8.99 -6.36 5.50
C GLY A 227 8.12 -5.13 5.39
N LEU A 228 8.06 -4.58 4.18
CA LEU A 228 7.27 -3.39 3.89
C LEU A 228 5.76 -3.62 3.91
N SER A 229 5.01 -2.53 4.02
CA SER A 229 3.55 -2.59 4.05
C SER A 229 2.95 -3.03 2.72
N SER A 230 3.81 -3.33 1.76
CA SER A 230 3.37 -3.81 0.46
C SER A 230 3.00 -5.29 0.66
N ILE A 231 3.35 -5.82 1.83
CA ILE A 231 3.07 -7.22 2.17
C ILE A 231 2.01 -7.29 3.28
N ASP A 232 0.78 -7.62 2.90
CA ASP A 232 -0.31 -7.74 3.85
C ASP A 232 -0.03 -8.97 4.73
N PRO A 233 0.13 -8.76 6.05
CA PRO A 233 0.41 -9.91 6.92
C PRO A 233 -0.69 -10.96 6.94
N GLY A 234 -1.91 -10.54 6.62
CA GLY A 234 -3.02 -11.48 6.58
C GLY A 234 -2.84 -12.44 5.43
N ILE A 235 -2.51 -11.89 4.27
CA ILE A 235 -2.28 -12.69 3.07
C ILE A 235 -1.02 -13.54 3.26
N LEU A 236 0.00 -12.95 3.85
CA LEU A 236 1.26 -13.64 4.06
C LEU A 236 1.10 -14.93 4.86
N GLN A 237 0.42 -14.86 6.00
CA GLN A 237 0.25 -16.05 6.82
C GLN A 237 -0.65 -17.08 6.14
N LYS A 238 -1.60 -16.63 5.33
CA LYS A 238 -2.49 -17.54 4.62
C LYS A 238 -1.74 -18.36 3.57
N VAL A 239 -0.96 -17.67 2.75
CA VAL A 239 -0.20 -18.32 1.69
C VAL A 239 1.05 -19.05 2.15
N ALA A 240 1.84 -18.41 3.02
CA ALA A 240 3.08 -19.02 3.51
C ALA A 240 2.87 -19.99 4.66
N GLY A 241 1.76 -19.83 5.39
CA GLY A 241 1.49 -20.69 6.52
C GLY A 241 1.95 -20.05 7.81
N LEU A 242 1.11 -20.13 8.83
CA LEU A 242 1.43 -19.55 10.13
C LEU A 242 2.74 -20.09 10.73
N ASP A 243 3.04 -21.36 10.49
CA ASP A 243 4.27 -21.93 11.03
C ASP A 243 5.50 -21.14 10.58
N ALA A 244 5.48 -20.62 9.36
CA ALA A 244 6.60 -19.87 8.84
C ALA A 244 6.47 -18.37 9.10
N VAL A 245 5.24 -17.92 9.28
CA VAL A 245 4.97 -16.49 9.48
C VAL A 245 4.86 -15.96 10.91
N ARG A 246 4.50 -16.78 11.88
CA ARG A 246 4.39 -16.25 13.24
C ARG A 246 5.71 -15.58 13.64
N GLY A 247 5.61 -14.39 14.21
CA GLY A 247 6.79 -13.64 14.63
C GLY A 247 7.20 -12.55 13.65
N TYR A 248 6.65 -12.61 12.44
CA TYR A 248 6.94 -11.62 11.39
C TYR A 248 6.70 -10.20 11.91
N SER A 249 7.68 -9.32 11.67
CA SER A 249 7.60 -7.93 12.10
C SER A 249 7.19 -7.01 10.96
N LEU A 250 6.44 -5.96 11.29
CA LEU A 250 5.98 -5.03 10.27
C LEU A 250 5.76 -3.65 10.84
N ALA A 251 5.47 -2.70 9.95
CA ALA A 251 5.19 -1.33 10.35
C ALA A 251 3.75 -1.05 9.96
N LEU A 252 2.95 -0.66 10.93
CA LEU A 252 1.53 -0.34 10.70
C LEU A 252 1.43 1.09 10.19
N VAL A 253 0.83 1.27 9.00
CA VAL A 253 0.66 2.60 8.43
C VAL A 253 -0.82 2.86 8.14
N MSE A 254 -1.65 1.89 8.52
CA MSE A 254 -3.10 1.95 8.33
C MSE A 254 -3.77 1.39 9.59
O MSE A 254 -3.13 0.70 10.38
CB MSE A 254 -3.52 1.09 7.15
CG MSE A 254 -3.33 1.70 5.77
SE MSE A 254 -4.61 3.10 5.42
CE MSE A 254 -3.41 4.42 4.70
N PRO A 255 -5.07 1.71 9.78
CA PRO A 255 -5.77 1.18 10.96
C PRO A 255 -5.64 -0.35 10.90
N ASN A 256 -5.38 -0.97 12.04
CA ASN A 256 -5.20 -2.41 12.11
C ASN A 256 -6.51 -3.20 12.10
N PRO A 257 -6.72 -4.03 11.06
CA PRO A 257 -7.95 -4.84 10.96
C PRO A 257 -8.15 -5.68 12.23
N GLY A 258 -7.06 -6.02 12.90
CA GLY A 258 -7.13 -6.82 14.11
C GLY A 258 -7.79 -6.12 15.29
N LYS A 259 -7.76 -4.78 15.27
CA LYS A 259 -8.37 -3.99 16.34
C LYS A 259 -9.80 -3.68 15.91
N SER A 260 -10.71 -4.61 16.17
CA SER A 260 -12.10 -4.46 15.78
C SER A 260 -12.78 -3.20 16.31
N VAL A 261 -12.32 -2.67 17.44
CA VAL A 261 -12.94 -1.48 18.00
C VAL A 261 -12.50 -0.17 17.34
N ASN A 262 -11.45 -0.22 16.52
CA ASN A 262 -10.99 0.99 15.85
C ASN A 262 -12.15 1.52 14.99
N PRO A 263 -12.44 2.83 15.08
CA PRO A 263 -13.53 3.43 14.30
C PRO A 263 -13.55 3.13 12.80
N VAL A 264 -12.39 3.15 12.16
CA VAL A 264 -12.34 2.87 10.73
C VAL A 264 -12.71 1.41 10.46
N ILE A 265 -12.20 0.51 11.30
CA ILE A 265 -12.48 -0.90 11.14
C ILE A 265 -13.97 -1.15 11.40
N ARG A 266 -14.51 -0.45 12.40
CA ARG A 266 -15.93 -0.61 12.68
C ARG A 266 -16.76 -0.12 11.50
N GLU A 267 -16.37 1.00 10.89
CA GLU A 267 -17.12 1.50 9.75
C GLU A 267 -17.02 0.53 8.56
N PHE A 268 -15.83 -0.06 8.39
CA PHE A 268 -15.62 -1.02 7.31
C PHE A 268 -16.57 -2.21 7.48
N ASN A 269 -16.64 -2.74 8.70
CA ASN A 269 -17.52 -3.87 8.96
C ASN A 269 -19.00 -3.51 8.84
N ARG A 270 -19.36 -2.30 9.26
CA ARG A 270 -20.75 -1.88 9.14
C ARG A 270 -21.09 -1.70 7.66
N ALA A 271 -20.15 -1.15 6.90
CA ALA A 271 -20.36 -0.94 5.47
C ALA A 271 -20.53 -2.28 4.75
N ARG A 272 -19.67 -3.24 5.07
CA ARG A 272 -19.72 -4.55 4.44
C ARG A 272 -21.10 -5.18 4.65
N ALA A 273 -21.60 -5.12 5.88
CA ALA A 273 -22.91 -5.71 6.17
C ALA A 273 -24.05 -4.95 5.49
N ALA A 274 -24.01 -3.63 5.54
CA ALA A 274 -25.06 -2.82 4.94
C ALA A 274 -25.14 -2.98 3.42
N VAL A 275 -23.98 -3.01 2.77
CA VAL A 275 -23.92 -3.15 1.33
C VAL A 275 -24.18 -4.60 0.89
N GLY A 276 -23.85 -5.54 1.77
CA GLY A 276 -24.04 -6.94 1.46
C GLY A 276 -22.89 -7.43 0.60
N ALA A 277 -21.72 -6.85 0.80
CA ALA A 277 -20.52 -7.22 0.06
C ALA A 277 -19.90 -8.47 0.67
N LYS A 278 -20.56 -9.61 0.48
CA LYS A 278 -20.08 -10.87 1.03
C LYS A 278 -18.73 -11.28 0.45
N ASP A 279 -18.46 -10.86 -0.78
CA ASP A 279 -17.21 -11.18 -1.46
C ASP A 279 -16.01 -10.39 -0.93
N VAL A 280 -16.27 -9.36 -0.15
CA VAL A 280 -15.20 -8.53 0.39
C VAL A 280 -14.73 -8.97 1.77
N ASP A 281 -13.44 -9.23 1.90
CA ASP A 281 -12.86 -9.64 3.17
C ASP A 281 -12.09 -8.49 3.80
N LEU A 282 -12.18 -8.38 5.12
CA LEU A 282 -11.46 -7.34 5.86
C LEU A 282 -9.98 -7.70 5.79
N SER A 283 -9.15 -6.75 5.35
CA SER A 283 -7.72 -6.97 5.25
C SER A 283 -7.02 -5.63 5.24
N PHE A 284 -5.71 -5.64 5.44
CA PHE A 284 -4.96 -4.39 5.44
C PHE A 284 -5.11 -3.63 4.12
N ARG A 285 -4.94 -4.31 2.99
CA ARG A 285 -5.05 -3.62 1.71
C ARG A 285 -6.47 -3.17 1.41
N ALA A 286 -7.47 -3.89 1.90
CA ALA A 286 -8.85 -3.49 1.66
C ALA A 286 -9.12 -2.22 2.47
N VAL A 287 -8.56 -2.15 3.67
CA VAL A 287 -8.72 -0.97 4.51
C VAL A 287 -8.03 0.21 3.83
N GLU A 288 -6.89 -0.04 3.20
CA GLU A 288 -6.16 1.02 2.51
C GLU A 288 -7.03 1.61 1.40
N GLY A 289 -7.75 0.75 0.67
CA GLY A 289 -8.61 1.21 -0.39
C GLY A 289 -9.81 1.98 0.15
N PHE A 290 -10.36 1.49 1.26
CA PHE A 290 -11.49 2.10 1.94
C PHE A 290 -11.11 3.52 2.38
N VAL A 291 -9.94 3.61 3.02
CA VAL A 291 -9.43 4.89 3.52
C VAL A 291 -9.15 5.88 2.39
N ALA A 292 -8.52 5.41 1.32
CA ALA A 292 -8.22 6.30 0.20
C ALA A 292 -9.51 6.83 -0.39
N ALA A 293 -10.50 5.96 -0.56
CA ALA A 293 -11.79 6.36 -1.11
C ALA A 293 -12.48 7.39 -0.23
N LYS A 294 -12.39 7.21 1.10
CA LYS A 294 -13.03 8.14 2.01
C LYS A 294 -12.36 9.51 1.97
N VAL A 295 -11.02 9.52 1.87
CA VAL A 295 -10.28 10.77 1.80
C VAL A 295 -10.69 11.52 0.52
N LEU A 296 -10.77 10.79 -0.59
CA LEU A 296 -11.16 11.39 -1.85
C LEU A 296 -12.60 11.91 -1.77
N ALA A 297 -13.47 11.13 -1.15
CA ALA A 297 -14.87 11.51 -1.02
C ALA A 297 -15.03 12.84 -0.27
N GLU A 298 -14.22 13.04 0.77
CA GLU A 298 -14.28 14.28 1.54
C GLU A 298 -13.86 15.45 0.65
N ALA A 299 -12.85 15.24 -0.18
CA ALA A 299 -12.40 16.30 -1.07
C ALA A 299 -13.49 16.61 -2.09
N ILE A 300 -14.15 15.57 -2.60
CA ILE A 300 -15.22 15.77 -3.57
C ILE A 300 -16.36 16.54 -2.91
N ARG A 301 -16.66 16.21 -1.67
CA ARG A 301 -17.72 16.89 -0.93
C ARG A 301 -17.42 18.37 -0.79
N ARG A 302 -16.17 18.69 -0.44
CA ARG A 302 -15.76 20.07 -0.27
C ARG A 302 -15.71 20.84 -1.59
N ALA A 303 -15.56 20.12 -2.69
CA ALA A 303 -15.49 20.74 -4.01
C ALA A 303 -16.82 21.33 -4.47
N GLY A 304 -17.91 20.93 -3.82
CA GLY A 304 -19.21 21.46 -4.16
C GLY A 304 -19.94 20.69 -5.23
N PRO A 305 -21.19 21.09 -5.56
CA PRO A 305 -22.02 20.43 -6.59
C PRO A 305 -21.34 20.37 -7.95
N LYS A 306 -21.60 19.30 -8.69
CA LYS A 306 -21.04 19.10 -10.01
C LYS A 306 -19.57 19.52 -10.03
N PRO A 307 -18.76 18.96 -9.13
CA PRO A 307 -17.33 19.28 -9.03
C PRO A 307 -16.50 18.90 -10.24
N THR A 308 -15.54 19.77 -10.58
CA THR A 308 -14.66 19.53 -11.70
C THR A 308 -13.37 18.92 -11.18
N ARG A 309 -12.55 18.44 -12.11
CA ARG A 309 -11.27 17.83 -11.77
C ARG A 309 -10.41 18.86 -11.03
N GLU A 310 -10.48 20.11 -11.48
CA GLU A 310 -9.72 21.20 -10.88
C GLU A 310 -10.18 21.50 -9.45
N GLN A 311 -11.50 21.52 -9.23
CA GLN A 311 -12.03 21.80 -7.91
C GLN A 311 -11.68 20.69 -6.92
N VAL A 312 -11.68 19.45 -7.38
CA VAL A 312 -11.35 18.33 -6.51
C VAL A 312 -9.87 18.41 -6.15
N ARG A 313 -9.03 18.74 -7.11
CA ARG A 313 -7.59 18.86 -6.86
C ARG A 313 -7.38 19.95 -5.80
N HIS A 314 -8.04 21.07 -6.00
CA HIS A 314 -7.94 22.21 -5.09
C HIS A 314 -8.34 21.79 -3.68
N ALA A 315 -9.47 21.09 -3.57
CA ALA A 315 -9.95 20.63 -2.27
C ALA A 315 -8.94 19.71 -1.60
N LEU A 316 -8.33 18.83 -2.37
CA LEU A 316 -7.35 17.90 -1.83
C LEU A 316 -6.17 18.64 -1.20
N THR A 317 -5.66 19.65 -1.89
CA THR A 317 -4.52 20.40 -1.40
C THR A 317 -4.82 21.17 -0.13
N GLU A 318 -6.10 21.26 0.24
CA GLU A 318 -6.45 22.00 1.45
C GLU A 318 -6.96 21.17 2.61
N LEU A 319 -6.91 19.85 2.48
CA LEU A 319 -7.33 18.98 3.56
C LEU A 319 -6.29 19.12 4.67
N ARG A 320 -6.70 19.65 5.82
CA ARG A 320 -5.79 19.86 6.95
C ARG A 320 -6.26 19.06 8.14
N ASP A 321 -5.67 17.89 8.32
CA ASP A 321 -5.99 16.99 9.42
C ASP A 321 -7.42 16.44 9.37
N TYR A 322 -7.87 16.08 8.18
CA TYR A 322 -9.21 15.50 8.05
C TYR A 322 -9.14 14.12 8.72
N ASP A 323 -10.06 13.88 9.64
CA ASP A 323 -10.10 12.62 10.40
C ASP A 323 -10.99 11.58 9.70
N VAL A 324 -10.37 10.51 9.21
CA VAL A 324 -11.10 9.44 8.54
C VAL A 324 -11.76 8.57 9.60
N GLY A 325 -11.32 8.74 10.84
CA GLY A 325 -11.86 7.98 11.96
C GLY A 325 -10.77 7.55 12.93
N GLY A 326 -11.08 7.63 14.22
CA GLY A 326 -10.14 7.21 15.24
C GLY A 326 -8.83 7.98 15.31
N GLY A 327 -8.78 9.16 14.71
CA GLY A 327 -7.57 9.94 14.77
C GLY A 327 -6.63 9.73 13.60
N PHE A 328 -7.04 8.92 12.63
CA PHE A 328 -6.20 8.71 11.46
C PHE A 328 -6.51 9.91 10.59
N THR A 329 -5.68 10.93 10.71
CA THR A 329 -5.87 12.19 9.99
C THR A 329 -4.96 12.34 8.78
N VAL A 330 -5.44 13.12 7.81
CA VAL A 330 -4.70 13.38 6.59
C VAL A 330 -4.51 14.87 6.40
N ASP A 331 -3.28 15.28 6.15
CA ASP A 331 -2.95 16.68 5.92
C ASP A 331 -2.14 16.79 4.62
N PHE A 332 -2.80 17.31 3.57
CA PHE A 332 -2.13 17.46 2.28
C PHE A 332 -1.60 18.87 2.04
N THR A 333 -1.67 19.74 3.05
CA THR A 333 -1.20 21.11 2.87
C THR A 333 0.31 21.18 2.67
N ASP A 334 1.04 20.21 3.21
CA ASP A 334 2.50 20.13 3.06
C ASP A 334 2.74 19.01 2.05
N ARG A 335 3.02 19.39 0.80
CA ARG A 335 3.23 18.42 -0.26
C ARG A 335 4.54 17.63 -0.19
N SER A 336 5.42 17.98 0.74
CA SER A 336 6.70 17.29 0.85
C SER A 336 6.67 16.01 1.68
N ARG A 337 5.51 15.69 2.26
CA ARG A 337 5.39 14.49 3.08
C ARG A 337 4.05 13.81 2.86
N PRO A 338 3.92 12.56 3.34
CA PRO A 338 2.66 11.82 3.17
C PRO A 338 1.55 12.50 3.97
N GLY A 339 0.31 12.34 3.51
CA GLY A 339 -0.82 12.93 4.19
C GLY A 339 -0.96 12.48 5.64
N SER A 340 -0.67 11.21 5.90
CA SER A 340 -0.77 10.66 7.24
C SER A 340 0.59 10.53 7.89
N HIS A 341 0.67 10.93 9.15
CA HIS A 341 1.93 10.85 9.89
C HIS A 341 1.90 9.63 10.81
N TYR A 342 0.86 8.81 10.70
CA TYR A 342 0.73 7.63 11.53
C TYR A 342 1.61 6.45 11.14
N ILE A 343 2.33 5.92 12.11
CA ILE A 343 3.17 4.75 11.89
C ILE A 343 3.58 4.15 13.23
N GLU A 344 3.32 2.85 13.37
CA GLU A 344 3.68 2.12 14.58
C GLU A 344 4.20 0.77 14.15
N LEU A 345 4.93 0.11 15.05
CA LEU A 345 5.45 -1.21 14.72
C LEU A 345 4.44 -2.25 15.18
N GLY A 346 4.46 -3.41 14.52
CA GLY A 346 3.56 -4.47 14.86
C GLY A 346 4.21 -5.82 14.64
N VAL A 347 3.52 -6.88 15.06
CA VAL A 347 4.04 -8.23 14.91
C VAL A 347 2.92 -9.23 14.76
N VAL A 348 3.19 -10.34 14.06
CA VAL A 348 2.20 -11.38 13.89
C VAL A 348 2.36 -12.33 15.08
N GLY A 349 1.32 -12.44 15.89
CA GLY A 349 1.35 -13.30 17.06
C GLY A 349 1.38 -14.78 16.76
N PRO A 350 1.57 -15.62 17.79
CA PRO A 350 1.64 -17.08 17.64
C PRO A 350 0.48 -17.71 16.87
N ASN A 351 -0.70 -17.12 16.97
CA ASN A 351 -1.87 -17.65 16.27
C ASN A 351 -2.29 -16.79 15.09
N GLY A 352 -1.45 -15.84 14.71
CA GLY A 352 -1.76 -15.00 13.56
C GLY A 352 -2.28 -13.59 13.79
N LEU A 353 -2.62 -13.25 15.03
CA LEU A 353 -3.15 -11.92 15.31
C LEU A 353 -2.06 -10.85 15.14
N VAL A 354 -2.41 -9.74 14.50
CA VAL A 354 -1.44 -8.65 14.33
C VAL A 354 -1.55 -7.74 15.55
N ILE A 355 -0.47 -7.66 16.31
CA ILE A 355 -0.42 -6.86 17.52
C ILE A 355 0.48 -5.64 17.38
N GLN A 356 0.00 -4.48 17.85
CA GLN A 356 0.78 -3.25 17.78
C GLN A 356 1.80 -3.21 18.91
N GLU A 357 2.88 -2.45 18.68
CA GLU A 357 3.97 -2.30 19.62
C GLU A 357 5.03 -3.38 19.43
N LEU B . 2.44 -1.01 -4.69
CA LEU B . 3.04 -2.37 -4.59
C LEU B . 2.23 -3.23 -3.63
O LEU B . 2.34 -4.46 -3.74
CB LEU B . 4.47 -2.24 -4.07
CG LEU B . 5.14 -1.16 -4.91
CD1 LEU B . 6.01 -0.34 -4.09
CD2 LEU B . 5.88 -1.77 -6.03
OXT LEU B . 1.50 -2.65 -2.80
C1 EDO C . -19.46 2.71 -6.49
O1 EDO C . -18.64 1.56 -6.26
C2 EDO C . -20.35 2.47 -7.69
O2 EDO C . -19.55 2.44 -8.88
C1 EDO D . -27.59 9.05 -6.00
O1 EDO D . -27.63 7.69 -5.58
C2 EDO D . -28.63 9.83 -5.24
O2 EDO D . -29.78 9.03 -5.15
C1 EDO E . 33.15 -12.97 12.77
O1 EDO E . 33.57 -13.45 11.53
C2 EDO E . 31.83 -13.58 13.11
O2 EDO E . 30.96 -12.50 13.20
C1 EDO F . -4.93 3.65 13.64
O1 EDO F . -5.32 3.48 15.01
C2 EDO F . -4.37 5.06 13.43
O2 EDO F . -5.34 6.03 13.84
C1 EDO G . -17.74 -0.33 -12.46
O1 EDO G . -17.95 -1.43 -13.33
C2 EDO G . -18.96 0.59 -12.46
O2 EDO G . -18.85 1.52 -13.54
NI NI H . -8.94 27.19 -1.34
NI NI I . -2.15 11.58 14.69
MG MG J . 2.81 -0.34 -0.52
MN MN K . -20.88 4.75 10.57
#